data_7ODJ
#
_entry.id   7ODJ
#
_cell.length_a   91.815
_cell.length_b   102.230
_cell.length_c   50.680
_cell.angle_alpha   90.000
_cell.angle_beta   90.000
_cell.angle_gamma   90.000
#
_symmetry.space_group_name_H-M   'P 21 21 2'
#
loop_
_entity.id
_entity.type
_entity.pdbx_description
1 polymer Man5A
2 non-polymer 'SULFATE ION'
3 non-polymer 'ACETATE ION'
4 non-polymer (1R,2S,3R,4S,5R,6R)-5-(8-azidooctylamino)-6-(hydroxymethyl)cyclohexane-1,2,3,4-tetrol
5 water water
#
_entity_poly.entity_id   1
_entity_poly.type   'polypeptide(L)'
_entity_poly.pdbx_seq_one_letter_code
;MVAESNSAVAPTANVATSPAHEHFVRVNGGHFELQGKPYVITGVNMWYAAYLGAPNEVGDRDRLAKELDNLKAIGVNNLR
VLAVSEKSEINSAVKPAVTNGFGNYDETLLQGLDYLLVELAKRDMTVVLYFNNFWQWSGGMTQYMAWIEGEPVQDPNVTN
EWEAFMAKSASFYRSEKAQQEYRKTLEKIITRVNSINGKAYVDDATIMSWQLANEPRPGNSQTTAEEKQIYIDWVHAAAA
YIKTLDAHHLVSSGSEGEMGSVNDMQVFIDAHATPDIDYLTYHMWIRNWSWFDKTKPAETWPSAWEKAQNYMRAHIDVAK
QLNKPLVLEEFGLDRDMGSYAMDSTTEYRDNYFRGVFELMLASLEQGEPSAGYNIWAWNGYGRTTRANYWWQEGDDFMGD
PPQEEQGMYGVFDTDTSTIAIMKEFNARFQPKLEHHHHHH
;
_entity_poly.pdbx_strand_id   AAA
#
# COMPACT_ATOMS: atom_id res chain seq x y z
N HIS A 23 2.40 -21.01 11.63
CA HIS A 23 3.60 -20.12 11.71
C HIS A 23 3.20 -18.70 11.16
N PHE A 24 2.49 -17.91 11.93
CA PHE A 24 2.15 -16.51 11.54
CA PHE A 24 2.13 -16.51 11.60
C PHE A 24 3.33 -15.56 11.75
N VAL A 25 3.38 -14.52 10.92
CA VAL A 25 4.28 -13.41 11.20
C VAL A 25 3.81 -12.74 12.49
N ARG A 26 4.72 -12.59 13.41
CA ARG A 26 4.43 -12.03 14.74
C ARG A 26 5.30 -10.80 14.97
N VAL A 27 4.93 -10.03 15.99
CA VAL A 27 5.76 -8.88 16.41
C VAL A 27 6.32 -9.19 17.81
N ASN A 28 7.60 -8.88 17.99
CA ASN A 28 8.28 -8.93 19.29
C ASN A 28 9.09 -7.65 19.41
N GLY A 29 8.58 -6.68 20.15
CA GLY A 29 9.25 -5.39 20.27
C GLY A 29 9.31 -4.69 18.92
N GLY A 30 10.52 -4.27 18.58
CA GLY A 30 10.75 -3.53 17.34
C GLY A 30 11.02 -4.37 16.13
N HIS A 31 10.78 -5.67 16.18
CA HIS A 31 11.00 -6.53 15.01
C HIS A 31 9.89 -7.55 14.85
N PHE A 32 9.81 -8.04 13.64
CA PHE A 32 8.93 -9.17 13.29
C PHE A 32 9.67 -10.49 13.53
N GLU A 33 8.89 -11.52 13.84
CA GLU A 33 9.42 -12.89 13.94
C GLU A 33 8.53 -13.84 13.14
N LEU A 34 9.18 -14.86 12.60
CA LEU A 34 8.49 -15.99 11.95
C LEU A 34 9.08 -17.27 12.52
N GLN A 35 8.30 -18.10 13.16
CA GLN A 35 8.81 -19.32 13.84
C GLN A 35 9.99 -18.94 14.73
N GLY A 36 9.85 -17.79 15.42
CA GLY A 36 10.77 -17.36 16.49
C GLY A 36 12.10 -16.84 15.96
N LYS A 37 12.23 -16.65 14.63
CA LYS A 37 13.46 -16.20 13.93
C LYS A 37 13.15 -14.78 13.42
N PRO A 38 14.08 -13.82 13.40
CA PRO A 38 13.80 -12.50 12.84
C PRO A 38 13.28 -12.63 11.40
N TYR A 39 12.36 -11.73 11.07
CA TYR A 39 11.74 -11.65 9.74
C TYR A 39 11.82 -10.20 9.32
N VAL A 40 12.36 -9.92 8.15
CA VAL A 40 12.51 -8.56 7.65
C VAL A 40 11.81 -8.50 6.30
N ILE A 41 11.04 -7.43 6.09
CA ILE A 41 10.23 -7.27 4.88
C ILE A 41 11.12 -6.79 3.74
N THR A 42 11.21 -7.59 2.70
CA THR A 42 11.97 -7.18 1.49
C THR A 42 11.00 -7.33 0.34
N GLY A 43 10.25 -6.25 0.13
CA GLY A 43 8.98 -6.35 -0.57
C GLY A 43 8.78 -5.43 -1.77
N VAL A 44 7.62 -5.62 -2.35
CA VAL A 44 7.12 -4.71 -3.40
C VAL A 44 5.64 -4.47 -3.15
N ASN A 45 5.20 -3.33 -3.70
CA ASN A 45 3.78 -3.09 -3.93
C ASN A 45 3.38 -3.68 -5.28
N MET A 46 2.26 -4.42 -5.27
CA MET A 46 1.74 -5.04 -6.48
C MET A 46 0.22 -5.05 -6.25
N TRP A 47 -0.39 -3.85 -6.42
CA TRP A 47 -1.78 -3.68 -5.95
C TRP A 47 -2.71 -4.72 -6.55
N TYR A 48 -2.40 -5.10 -7.81
CA TYR A 48 -3.27 -5.88 -8.73
C TYR A 48 -3.01 -7.41 -8.63
N ALA A 49 -2.22 -7.87 -7.68
CA ALA A 49 -1.82 -9.29 -7.65
C ALA A 49 -3.05 -10.20 -7.52
N ALA A 50 -4.02 -9.81 -6.73
CA ALA A 50 -5.24 -10.64 -6.59
C ALA A 50 -6.09 -10.59 -7.86
N TYR A 51 -6.19 -9.42 -8.49
CA TYR A 51 -6.84 -9.33 -9.82
C TYR A 51 -6.26 -10.36 -10.78
N LEU A 52 -4.94 -10.45 -10.82
CA LEU A 52 -4.25 -11.40 -11.73
CA LEU A 52 -4.35 -11.42 -11.79
C LEU A 52 -4.71 -12.83 -11.44
N GLY A 53 -5.07 -13.12 -10.20
CA GLY A 53 -5.53 -14.48 -9.88
C GLY A 53 -6.92 -14.78 -10.30
N ALA A 54 -7.71 -13.81 -10.76
CA ALA A 54 -9.12 -14.08 -11.08
C ALA A 54 -9.17 -15.15 -12.17
N PRO A 55 -10.12 -16.06 -12.07
CA PRO A 55 -10.24 -17.13 -13.08
C PRO A 55 -10.83 -16.76 -14.44
N ASN A 56 -11.40 -15.55 -14.54
CA ASN A 56 -12.12 -15.06 -15.75
C ASN A 56 -11.24 -14.14 -16.57
N GLU A 57 -11.80 -13.41 -17.51
CA GLU A 57 -11.02 -12.60 -18.46
C GLU A 57 -10.22 -11.47 -17.79
N VAL A 58 -10.58 -11.08 -16.57
CA VAL A 58 -9.85 -10.05 -15.82
C VAL A 58 -8.48 -10.57 -15.34
N GLY A 59 -8.40 -11.88 -15.10
CA GLY A 59 -7.21 -12.49 -14.56
C GLY A 59 -6.17 -12.79 -15.62
N ASP A 60 -4.98 -13.13 -15.12
CA ASP A 60 -3.84 -13.59 -15.95
C ASP A 60 -3.00 -14.51 -15.04
N ARG A 61 -3.50 -15.70 -14.81
CA ARG A 61 -2.88 -16.60 -13.86
C ARG A 61 -1.50 -17.02 -14.33
N ASP A 62 -1.30 -17.19 -15.62
CA ASP A 62 0.03 -17.55 -16.18
CA ASP A 62 0.03 -17.56 -16.13
C ASP A 62 1.01 -16.43 -15.82
N ARG A 63 0.60 -15.17 -16.04
CA ARG A 63 1.49 -14.06 -15.68
C ARG A 63 1.75 -14.04 -14.17
N LEU A 64 0.72 -14.25 -13.36
CA LEU A 64 0.88 -14.17 -11.90
C LEU A 64 1.97 -15.13 -11.45
N ALA A 65 1.91 -16.39 -11.88
CA ALA A 65 2.94 -17.36 -11.50
C ALA A 65 4.34 -16.89 -11.93
N LYS A 66 4.45 -16.38 -13.16
CA LYS A 66 5.73 -15.90 -13.68
C LYS A 66 6.24 -14.67 -12.90
N GLU A 67 5.33 -13.78 -12.55
CA GLU A 67 5.72 -12.60 -11.73
C GLU A 67 6.22 -13.07 -10.37
N LEU A 68 5.47 -13.95 -9.72
CA LEU A 68 5.88 -14.39 -8.38
C LEU A 68 7.21 -15.14 -8.44
N ASP A 69 7.42 -15.94 -9.47
CA ASP A 69 8.69 -16.63 -9.65
C ASP A 69 9.83 -15.61 -9.76
N ASN A 70 9.64 -14.57 -10.57
CA ASN A 70 10.71 -13.61 -10.80
C ASN A 70 10.98 -12.85 -9.48
N LEU A 71 9.91 -12.41 -8.84
CA LEU A 71 10.02 -11.70 -7.53
C LEU A 71 10.77 -12.55 -6.50
N LYS A 72 10.41 -13.84 -6.42
CA LYS A 72 11.09 -14.71 -5.44
C LYS A 72 12.58 -14.85 -5.81
N ALA A 73 12.87 -14.91 -7.10
CA ALA A 73 14.27 -15.05 -7.57
C ALA A 73 15.09 -13.82 -7.19
N ILE A 74 14.45 -12.66 -7.10
CA ILE A 74 15.17 -11.42 -6.69
C ILE A 74 15.08 -11.14 -5.20
N GLY A 75 14.56 -12.06 -4.43
CA GLY A 75 14.64 -12.01 -2.96
C GLY A 75 13.43 -11.30 -2.33
N VAL A 76 12.34 -11.10 -3.08
CA VAL A 76 11.12 -10.49 -2.53
C VAL A 76 10.37 -11.56 -1.71
N ASN A 77 10.04 -11.22 -0.47
CA ASN A 77 9.31 -12.11 0.44
C ASN A 77 7.90 -11.65 0.76
N ASN A 78 7.50 -10.48 0.28
CA ASN A 78 6.27 -9.80 0.74
C ASN A 78 5.70 -8.92 -0.35
N LEU A 79 4.38 -9.03 -0.53
CA LEU A 79 3.67 -8.11 -1.44
C LEU A 79 2.71 -7.30 -0.57
N ARG A 80 2.51 -6.06 -1.00
CA ARG A 80 1.45 -5.21 -0.47
C ARG A 80 0.40 -5.05 -1.58
N VAL A 81 -0.83 -5.49 -1.28
CA VAL A 81 -1.88 -5.75 -2.29
C VAL A 81 -3.21 -5.15 -1.86
N LEU A 82 -3.96 -4.61 -2.82
CA LEU A 82 -5.30 -4.13 -2.55
C LEU A 82 -6.26 -5.31 -2.42
N ALA A 83 -7.03 -5.37 -1.34
CA ALA A 83 -7.98 -6.48 -1.14
C ALA A 83 -9.31 -6.24 -1.81
N VAL A 84 -9.76 -4.98 -1.86
CA VAL A 84 -11.13 -4.66 -2.32
CA VAL A 84 -11.14 -4.66 -2.30
C VAL A 84 -11.14 -3.31 -3.03
N SER A 85 -11.89 -3.24 -4.09
CA SER A 85 -12.17 -1.99 -4.81
C SER A 85 -13.67 -1.75 -4.87
N GLU A 86 -14.03 -0.50 -5.11
CA GLU A 86 -15.43 -0.04 -5.21
C GLU A 86 -15.69 0.47 -6.65
N LYS A 87 -16.81 0.07 -7.19
CA LYS A 87 -17.13 0.42 -8.59
C LYS A 87 -17.15 1.92 -8.76
N SER A 88 -16.48 2.37 -9.84
CA SER A 88 -16.31 3.79 -10.12
C SER A 88 -16.69 4.04 -11.56
N GLU A 89 -17.17 5.24 -11.83
CA GLU A 89 -17.43 5.72 -13.21
C GLU A 89 -16.38 6.72 -13.67
N ILE A 90 -15.40 7.03 -12.87
CA ILE A 90 -14.30 7.94 -13.26
C ILE A 90 -13.26 7.16 -14.05
N ASN A 91 -12.40 7.89 -14.77
CA ASN A 91 -11.41 7.24 -15.66
CA ASN A 91 -11.39 7.37 -15.72
C ASN A 91 -10.02 7.29 -15.05
N SER A 92 -9.97 7.27 -13.73
CA SER A 92 -8.74 7.13 -12.93
C SER A 92 -8.85 5.98 -11.95
N ALA A 93 -9.67 4.98 -12.24
CA ALA A 93 -9.91 3.92 -11.27
C ALA A 93 -9.96 2.56 -11.92
N VAL A 94 -9.56 1.51 -11.16
N VAL A 94 -9.82 1.57 -11.05
CA VAL A 94 -9.64 0.12 -11.68
CA VAL A 94 -9.79 0.14 -11.43
C VAL A 94 -11.08 -0.22 -11.98
C VAL A 94 -11.17 -0.30 -11.90
N LYS A 95 -11.23 -0.98 -13.05
CA LYS A 95 -12.46 -1.57 -13.58
C LYS A 95 -12.08 -2.94 -14.05
N PRO A 96 -12.89 -3.98 -13.82
CA PRO A 96 -14.07 -3.98 -12.94
C PRO A 96 -13.66 -3.89 -11.47
N ALA A 97 -14.66 -3.79 -10.61
CA ALA A 97 -14.49 -3.61 -9.17
C ALA A 97 -14.96 -4.85 -8.42
N VAL A 98 -14.41 -5.01 -7.20
CA VAL A 98 -14.91 -6.10 -6.32
C VAL A 98 -16.30 -5.80 -5.78
N THR A 99 -16.59 -4.55 -5.50
CA THR A 99 -17.82 -4.13 -4.79
C THR A 99 -18.68 -3.29 -5.75
N ASN A 100 -19.74 -3.86 -6.26
CA ASN A 100 -20.60 -3.23 -7.31
C ASN A 100 -21.81 -2.62 -6.61
N GLY A 101 -21.51 -1.60 -5.83
CA GLY A 101 -22.49 -1.08 -4.88
C GLY A 101 -22.43 -1.84 -3.56
N PHE A 102 -22.86 -1.18 -2.50
CA PHE A 102 -22.72 -1.77 -1.15
C PHE A 102 -23.29 -3.19 -1.11
N GLY A 103 -22.48 -4.08 -0.55
CA GLY A 103 -22.84 -5.49 -0.30
C GLY A 103 -22.82 -6.36 -1.54
N ASN A 104 -22.59 -5.82 -2.76
CA ASN A 104 -22.66 -6.60 -4.03
C ASN A 104 -21.25 -7.00 -4.44
N TYR A 105 -20.73 -8.01 -3.75
CA TYR A 105 -19.34 -8.45 -3.98
C TYR A 105 -19.27 -9.42 -5.16
N ASP A 106 -18.24 -9.22 -5.96
CA ASP A 106 -17.96 -10.13 -7.11
C ASP A 106 -17.17 -11.36 -6.63
N GLU A 107 -17.89 -12.45 -6.43
CA GLU A 107 -17.28 -13.71 -5.88
CA GLU A 107 -17.32 -13.71 -5.91
C GLU A 107 -16.24 -14.24 -6.87
N THR A 108 -16.39 -14.03 -8.16
CA THR A 108 -15.39 -14.52 -9.14
C THR A 108 -14.09 -13.75 -8.86
N LEU A 109 -14.16 -12.45 -8.66
CA LEU A 109 -12.91 -11.72 -8.37
C LEU A 109 -12.33 -12.15 -7.03
N LEU A 110 -13.17 -12.46 -6.04
CA LEU A 110 -12.60 -12.91 -4.74
C LEU A 110 -11.88 -14.24 -4.94
N GLN A 111 -12.25 -15.06 -5.90
CA GLN A 111 -11.52 -16.32 -6.17
C GLN A 111 -10.10 -15.92 -6.60
N GLY A 112 -9.90 -14.71 -7.15
CA GLY A 112 -8.54 -14.28 -7.48
C GLY A 112 -7.65 -14.06 -6.25
N LEU A 113 -8.21 -13.54 -5.20
CA LEU A 113 -7.49 -13.44 -3.91
C LEU A 113 -7.19 -14.85 -3.38
N ASP A 114 -8.17 -15.73 -3.46
CA ASP A 114 -7.93 -17.12 -3.02
C ASP A 114 -6.73 -17.69 -3.76
N TYR A 115 -6.71 -17.50 -5.08
CA TYR A 115 -5.63 -18.06 -5.91
C TYR A 115 -4.29 -17.42 -5.59
N LEU A 116 -4.30 -16.11 -5.40
CA LEU A 116 -3.05 -15.43 -5.01
C LEU A 116 -2.50 -16.04 -3.73
N LEU A 117 -3.38 -16.28 -2.76
CA LEU A 117 -2.92 -16.82 -1.45
C LEU A 117 -2.32 -18.23 -1.63
N VAL A 118 -2.94 -19.06 -2.48
CA VAL A 118 -2.36 -20.37 -2.78
C VAL A 118 -0.97 -20.21 -3.40
N GLU A 119 -0.84 -19.32 -4.36
CA GLU A 119 0.40 -19.11 -5.14
CA GLU A 119 0.41 -19.16 -5.12
C GLU A 119 1.51 -18.60 -4.20
N LEU A 120 1.19 -17.64 -3.35
CA LEU A 120 2.20 -17.08 -2.42
C LEU A 120 2.65 -18.19 -1.46
N ALA A 121 1.71 -19.00 -0.96
CA ALA A 121 2.05 -20.05 0.01
C ALA A 121 3.06 -21.03 -0.59
N LYS A 122 2.92 -21.33 -1.87
CA LYS A 122 3.85 -22.29 -2.53
C LYS A 122 5.28 -21.76 -2.49
N ARG A 123 5.39 -20.43 -2.45
CA ARG A 123 6.69 -19.73 -2.59
C ARG A 123 7.18 -19.17 -1.26
N ASP A 124 6.48 -19.47 -0.16
CA ASP A 124 6.90 -18.89 1.16
C ASP A 124 6.96 -17.36 1.12
N MET A 125 5.99 -16.72 0.44
CA MET A 125 5.83 -15.25 0.40
C MET A 125 4.60 -14.94 1.22
N THR A 126 4.62 -13.72 1.75
CA THR A 126 3.49 -13.18 2.51
C THR A 126 2.87 -11.96 1.85
N VAL A 127 1.71 -11.58 2.39
CA VAL A 127 1.00 -10.42 1.83
C VAL A 127 0.42 -9.54 2.92
N VAL A 128 0.46 -8.25 2.69
CA VAL A 128 -0.21 -7.21 3.46
C VAL A 128 -1.39 -6.76 2.58
N LEU A 129 -2.62 -6.92 3.10
CA LEU A 129 -3.87 -6.64 2.37
C LEU A 129 -4.55 -5.38 2.92
N TYR A 130 -4.71 -4.37 2.09
CA TYR A 130 -5.39 -3.13 2.51
C TYR A 130 -6.83 -3.10 1.99
N PHE A 131 -7.70 -2.54 2.84
CA PHE A 131 -9.18 -2.73 2.67
C PHE A 131 -9.93 -1.45 2.25
N ASN A 132 -9.25 -0.42 1.86
CA ASN A 132 -9.89 0.83 1.45
C ASN A 132 -8.79 1.70 0.90
N ASN A 133 -9.15 2.89 0.52
CA ASN A 133 -8.21 3.79 -0.15
C ASN A 133 -8.63 5.23 0.14
N PHE A 134 -7.69 6.05 0.61
CA PHE A 134 -7.95 7.50 0.76
C PHE A 134 -8.18 8.09 -0.62
N TRP A 135 -7.41 7.60 -1.60
CA TRP A 135 -7.37 8.11 -2.97
C TRP A 135 -8.42 7.40 -3.84
N GLN A 136 -8.52 7.86 -5.09
CA GLN A 136 -9.66 7.54 -5.96
C GLN A 136 -9.45 6.28 -6.80
N TRP A 137 -8.24 5.72 -6.85
CA TRP A 137 -7.91 4.75 -7.91
C TRP A 137 -8.56 3.39 -7.71
N SER A 138 -9.08 3.12 -6.53
CA SER A 138 -9.87 1.90 -6.30
C SER A 138 -11.27 2.24 -5.84
N GLY A 139 -11.71 3.46 -6.14
CA GLY A 139 -12.99 3.98 -5.59
C GLY A 139 -12.74 4.56 -4.22
N GLY A 140 -12.65 3.69 -3.23
CA GLY A 140 -12.26 4.12 -1.88
C GLY A 140 -13.24 5.02 -1.18
N MET A 141 -12.70 5.80 -0.26
CA MET A 141 -13.57 6.51 0.71
C MET A 141 -14.52 7.47 0.02
N THR A 142 -14.07 8.15 -1.02
CA THR A 142 -14.95 9.07 -1.76
C THR A 142 -16.03 8.28 -2.50
N GLN A 143 -15.77 7.05 -2.94
CA GLN A 143 -16.80 6.22 -3.61
C GLN A 143 -17.86 5.82 -2.57
N TYR A 144 -17.44 5.47 -1.35
CA TYR A 144 -18.45 5.23 -0.28
C TYR A 144 -19.39 6.42 -0.22
N MET A 145 -18.81 7.62 -0.16
CA MET A 145 -19.61 8.84 0.08
C MET A 145 -20.51 9.08 -1.11
N ALA A 146 -20.03 8.82 -2.34
CA ALA A 146 -20.84 9.03 -3.55
C ALA A 146 -22.05 8.12 -3.54
N TRP A 147 -21.87 6.88 -3.15
CA TRP A 147 -23.03 5.94 -3.06
C TRP A 147 -24.00 6.44 -2.02
N ILE A 148 -23.51 6.88 -0.87
CA ILE A 148 -24.38 7.31 0.25
C ILE A 148 -25.20 8.54 -0.18
N GLU A 149 -24.56 9.49 -0.83
CA GLU A 149 -25.19 10.80 -1.19
C GLU A 149 -25.93 10.72 -2.53
N GLY A 150 -25.72 9.67 -3.33
CA GLY A 150 -26.28 9.56 -4.69
C GLY A 150 -25.75 10.67 -5.60
N GLU A 151 -24.47 11.01 -5.49
CA GLU A 151 -23.83 12.07 -6.32
C GLU A 151 -22.55 11.46 -6.86
N PRO A 152 -22.14 11.76 -8.11
CA PRO A 152 -20.91 11.19 -8.66
CA PRO A 152 -20.90 11.27 -8.70
C PRO A 152 -19.65 11.66 -7.92
N VAL A 153 -18.62 10.84 -7.94
CA VAL A 153 -17.25 11.23 -7.50
C VAL A 153 -16.72 12.30 -8.43
N GLN A 154 -16.05 13.28 -7.87
CA GLN A 154 -15.25 14.30 -8.57
C GLN A 154 -13.82 13.82 -8.63
N ASP A 155 -13.41 13.33 -9.79
CA ASP A 155 -12.04 12.79 -9.96
C ASP A 155 -11.03 13.93 -9.79
N PRO A 156 -10.11 13.90 -8.79
CA PRO A 156 -9.17 15.02 -8.60
C PRO A 156 -8.16 15.14 -9.74
N ASN A 157 -8.03 14.09 -10.58
CA ASN A 157 -7.21 14.18 -11.81
C ASN A 157 -7.91 15.09 -12.81
N VAL A 158 -9.23 15.24 -12.71
CA VAL A 158 -9.97 16.16 -13.62
C VAL A 158 -10.09 17.56 -13.00
N THR A 159 -10.50 17.61 -11.74
CA THR A 159 -10.76 18.91 -11.06
C THR A 159 -9.48 19.63 -10.70
N ASN A 160 -8.42 18.89 -10.36
CA ASN A 160 -7.18 19.46 -9.79
C ASN A 160 -7.51 20.19 -8.48
N GLU A 161 -8.58 19.78 -7.78
CA GLU A 161 -9.04 20.40 -6.51
C GLU A 161 -8.72 19.39 -5.38
N TRP A 162 -7.44 19.29 -5.06
CA TRP A 162 -6.92 18.29 -4.12
C TRP A 162 -7.32 18.58 -2.67
N GLU A 163 -7.31 19.84 -2.26
CA GLU A 163 -7.77 20.20 -0.88
C GLU A 163 -9.21 19.77 -0.70
N ALA A 164 -10.06 20.02 -1.67
CA ALA A 164 -11.48 19.67 -1.55
C ALA A 164 -11.61 18.15 -1.55
N PHE A 165 -10.81 17.47 -2.37
CA PHE A 165 -10.86 15.99 -2.45
C PHE A 165 -10.53 15.39 -1.09
N MET A 166 -9.48 15.90 -0.45
CA MET A 166 -9.02 15.31 0.83
C MET A 166 -10.05 15.56 1.93
N ALA A 167 -10.71 16.70 1.91
CA ALA A 167 -11.82 16.93 2.86
C ALA A 167 -12.96 15.93 2.60
N LYS A 168 -13.32 15.76 1.36
CA LYS A 168 -14.43 14.84 1.01
C LYS A 168 -14.09 13.41 1.41
N SER A 169 -12.88 12.98 1.11
CA SER A 169 -12.46 11.59 1.43
C SER A 169 -12.55 11.41 2.96
N ALA A 170 -12.04 12.37 3.73
CA ALA A 170 -12.06 12.23 5.20
C ALA A 170 -13.46 12.29 5.79
N SER A 171 -14.44 12.79 5.05
CA SER A 171 -15.83 12.78 5.53
C SER A 171 -16.28 11.35 5.83
N PHE A 172 -15.66 10.36 5.17
CA PHE A 172 -15.91 8.93 5.38
C PHE A 172 -15.88 8.61 6.89
N TYR A 173 -14.91 9.14 7.64
CA TYR A 173 -14.74 8.71 9.03
C TYR A 173 -15.98 9.09 9.85
N ARG A 174 -16.59 10.24 9.52
CA ARG A 174 -17.71 10.81 10.28
CA ARG A 174 -17.69 10.76 10.34
C ARG A 174 -19.04 10.17 9.88
N SER A 175 -19.07 9.36 8.84
CA SER A 175 -20.34 8.75 8.34
C SER A 175 -20.54 7.39 9.02
N GLU A 176 -21.59 7.28 9.86
CA GLU A 176 -21.90 5.98 10.52
C GLU A 176 -22.26 4.98 9.45
N LYS A 177 -22.99 5.41 8.43
CA LYS A 177 -23.37 4.50 7.34
C LYS A 177 -22.12 3.98 6.63
N ALA A 178 -21.18 4.86 6.34
CA ALA A 178 -19.94 4.40 5.68
C ALA A 178 -19.17 3.40 6.57
N GLN A 179 -19.12 3.67 7.86
CA GLN A 179 -18.40 2.77 8.76
C GLN A 179 -19.09 1.39 8.81
N GLN A 180 -20.40 1.38 8.85
CA GLN A 180 -21.15 0.11 8.83
C GLN A 180 -20.79 -0.69 7.58
N GLU A 181 -20.74 -0.05 6.44
CA GLU A 181 -20.45 -0.72 5.14
C GLU A 181 -18.97 -1.15 5.12
N TYR A 182 -18.10 -0.33 5.66
CA TYR A 182 -16.66 -0.64 5.72
C TYR A 182 -16.46 -1.86 6.59
N ARG A 183 -17.09 -1.91 7.75
CA ARG A 183 -16.96 -3.09 8.63
CA ARG A 183 -16.92 -3.09 8.63
C ARG A 183 -17.57 -4.32 7.94
N LYS A 184 -18.66 -4.16 7.17
N LYS A 184 -18.64 -4.21 7.16
CA LYS A 184 -19.27 -5.24 6.34
CA LYS A 184 -19.19 -5.42 6.49
C LYS A 184 -18.18 -5.80 5.44
C LYS A 184 -18.20 -5.86 5.39
N THR A 185 -17.43 -4.94 4.81
CA THR A 185 -16.38 -5.33 3.86
C THR A 185 -15.23 -6.03 4.57
N LEU A 186 -14.79 -5.50 5.70
CA LEU A 186 -13.75 -6.18 6.50
C LEU A 186 -14.21 -7.59 6.90
N GLU A 187 -15.42 -7.70 7.38
CA GLU A 187 -16.01 -8.99 7.79
CA GLU A 187 -15.94 -9.03 7.79
C GLU A 187 -16.02 -9.95 6.56
N LYS A 188 -16.47 -9.47 5.41
CA LYS A 188 -16.65 -10.32 4.20
C LYS A 188 -15.31 -10.98 3.87
N ILE A 189 -14.22 -10.25 3.92
CA ILE A 189 -12.92 -10.84 3.54
C ILE A 189 -12.31 -11.61 4.69
N ILE A 190 -12.28 -11.05 5.88
CA ILE A 190 -11.59 -11.69 7.00
C ILE A 190 -12.22 -13.06 7.32
N THR A 191 -13.54 -13.18 7.24
CA THR A 191 -14.24 -14.43 7.53
C THR A 191 -14.33 -15.34 6.31
N ARG A 192 -13.69 -14.99 5.21
CA ARG A 192 -13.76 -15.82 3.98
C ARG A 192 -13.10 -17.16 4.19
N VAL A 193 -13.62 -18.15 3.49
CA VAL A 193 -12.98 -19.46 3.32
C VAL A 193 -12.35 -19.47 1.94
N ASN A 194 -11.09 -19.85 1.88
CA ASN A 194 -10.43 -19.96 0.56
C ASN A 194 -11.12 -21.03 -0.27
N SER A 195 -11.67 -20.69 -1.41
CA SER A 195 -12.54 -21.60 -2.18
C SER A 195 -11.67 -22.72 -2.79
N ILE A 196 -10.35 -22.53 -2.88
CA ILE A 196 -9.45 -23.54 -3.49
C ILE A 196 -8.98 -24.50 -2.42
N ASN A 197 -8.32 -24.01 -1.39
CA ASN A 197 -7.69 -24.94 -0.44
C ASN A 197 -8.56 -25.17 0.81
N GLY A 198 -9.66 -24.44 0.98
CA GLY A 198 -10.54 -24.59 2.14
C GLY A 198 -10.04 -23.93 3.42
N LYS A 199 -8.93 -23.23 3.39
CA LYS A 199 -8.40 -22.61 4.58
CA LYS A 199 -8.39 -22.57 4.59
C LYS A 199 -9.27 -21.38 4.93
N ALA A 200 -9.67 -21.25 6.19
CA ALA A 200 -10.24 -19.99 6.65
C ALA A 200 -9.16 -18.92 6.53
N TYR A 201 -9.51 -17.73 6.07
CA TYR A 201 -8.49 -16.68 5.97
C TYR A 201 -7.84 -16.38 7.33
N VAL A 202 -8.63 -16.46 8.43
CA VAL A 202 -8.04 -16.16 9.76
C VAL A 202 -6.94 -17.18 10.11
N ASP A 203 -6.95 -18.35 9.47
CA ASP A 203 -5.94 -19.42 9.77
C ASP A 203 -4.76 -19.38 8.79
N ASP A 204 -4.77 -18.50 7.77
CA ASP A 204 -3.76 -18.56 6.72
C ASP A 204 -2.56 -17.69 7.05
N ALA A 205 -1.45 -18.29 7.37
CA ALA A 205 -0.18 -17.60 7.66
C ALA A 205 0.41 -16.90 6.44
N THR A 206 -0.18 -17.12 5.27
CA THR A 206 0.31 -16.40 4.06
C THR A 206 0.02 -14.90 4.22
N ILE A 207 -1.09 -14.59 4.91
CA ILE A 207 -1.45 -13.21 5.21
C ILE A 207 -0.60 -12.73 6.37
N MET A 208 0.25 -11.75 6.10
CA MET A 208 1.05 -11.14 7.17
C MET A 208 0.21 -10.16 7.96
N SER A 209 -0.56 -9.30 7.31
CA SER A 209 -1.28 -8.21 8.00
CA SER A 209 -1.33 -8.29 8.05
C SER A 209 -2.54 -7.86 7.26
N TRP A 210 -3.55 -7.53 8.04
CA TRP A 210 -4.68 -6.76 7.58
C TRP A 210 -4.34 -5.28 7.71
N GLN A 211 -4.72 -4.47 6.74
CA GLN A 211 -4.36 -3.05 6.76
C GLN A 211 -5.62 -2.21 6.49
N LEU A 212 -5.82 -1.21 7.33
CA LEU A 212 -7.11 -0.45 7.31
C LEU A 212 -7.39 0.16 5.92
N ALA A 213 -6.39 0.80 5.35
CA ALA A 213 -6.61 1.53 4.10
C ALA A 213 -5.27 1.88 3.49
N ASN A 214 -5.31 2.31 2.24
CA ASN A 214 -4.13 2.93 1.60
C ASN A 214 -4.11 4.40 1.95
N GLU A 215 -3.07 4.81 2.67
CA GLU A 215 -2.78 6.25 2.97
C GLU A 215 -3.99 7.00 3.56
N PRO A 216 -4.65 6.46 4.60
CA PRO A 216 -5.69 7.26 5.23
C PRO A 216 -5.08 8.52 5.85
N ARG A 217 -5.72 9.65 5.58
CA ARG A 217 -5.33 10.95 6.15
C ARG A 217 -6.50 11.53 6.90
N PRO A 218 -6.24 12.51 7.77
CA PRO A 218 -7.33 13.11 8.53
C PRO A 218 -8.22 14.09 7.78
N GLY A 219 -7.73 14.54 6.64
CA GLY A 219 -8.36 15.60 5.85
C GLY A 219 -7.31 16.38 5.13
N ASN A 220 -7.64 17.61 4.81
CA ASN A 220 -6.79 18.52 4.03
C ASN A 220 -5.93 19.38 4.94
N SER A 221 -5.32 20.43 4.42
CA SER A 221 -4.34 21.22 5.21
CA SER A 221 -4.35 21.27 5.14
C SER A 221 -5.05 22.10 6.23
N GLN A 222 -6.39 22.16 6.19
CA GLN A 222 -7.24 22.97 7.09
C GLN A 222 -8.00 22.09 8.09
N THR A 223 -7.53 20.89 8.34
CA THR A 223 -8.17 19.93 9.27
CA THR A 223 -8.18 19.95 9.27
C THR A 223 -8.24 20.55 10.67
N THR A 224 -9.39 20.42 11.35
CA THR A 224 -9.58 20.94 12.71
C THR A 224 -9.07 19.97 13.75
N ALA A 225 -8.97 20.41 14.97
CA ALA A 225 -8.56 19.54 16.08
C ALA A 225 -9.59 18.41 16.23
N GLU A 226 -10.87 18.71 16.11
CA GLU A 226 -11.93 17.68 16.21
C GLU A 226 -11.74 16.65 15.10
N GLU A 227 -11.43 17.10 13.88
CA GLU A 227 -11.21 16.15 12.77
C GLU A 227 -9.97 15.29 13.03
N LYS A 228 -8.93 15.86 13.60
CA LYS A 228 -7.77 15.01 13.97
CA LYS A 228 -7.74 15.05 14.02
C LYS A 228 -8.20 13.94 14.97
N GLN A 229 -9.00 14.26 15.96
CA GLN A 229 -9.43 13.28 16.95
C GLN A 229 -10.35 12.22 16.31
N ILE A 230 -11.20 12.60 15.40
CA ILE A 230 -12.07 11.63 14.68
C ILE A 230 -11.16 10.62 13.99
N TYR A 231 -10.12 11.12 13.32
CA TYR A 231 -9.20 10.22 12.60
C TYR A 231 -8.52 9.27 13.60
N ILE A 232 -7.97 9.78 14.67
CA ILE A 232 -7.30 8.94 15.69
C ILE A 232 -8.28 7.87 16.16
N ASP A 233 -9.49 8.26 16.50
CA ASP A 233 -10.50 7.32 17.03
C ASP A 233 -10.88 6.30 15.97
N TRP A 234 -10.93 6.71 14.71
CA TRP A 234 -11.25 5.77 13.60
C TRP A 234 -10.14 4.69 13.51
N VAL A 235 -8.89 5.07 13.53
CA VAL A 235 -7.80 4.06 13.49
C VAL A 235 -7.99 3.10 14.68
N HIS A 236 -8.19 3.64 15.86
CA HIS A 236 -8.32 2.78 17.05
C HIS A 236 -9.51 1.84 16.89
N ALA A 237 -10.66 2.34 16.48
CA ALA A 237 -11.89 1.53 16.50
C ALA A 237 -11.82 0.49 15.37
N ALA A 238 -11.29 0.87 14.21
CA ALA A 238 -11.20 -0.08 13.08
C ALA A 238 -10.23 -1.21 13.41
N ALA A 239 -9.10 -0.87 14.02
CA ALA A 239 -8.13 -1.93 14.40
C ALA A 239 -8.76 -2.82 15.47
N ALA A 240 -9.44 -2.26 16.46
CA ALA A 240 -10.13 -3.06 17.47
C ALA A 240 -11.16 -3.99 16.82
N TYR A 241 -11.91 -3.48 15.85
CA TYR A 241 -12.95 -4.29 15.19
C TYR A 241 -12.28 -5.49 14.50
N ILE A 242 -11.20 -5.28 13.77
CA ILE A 242 -10.52 -6.41 13.09
C ILE A 242 -10.12 -7.42 14.15
N LYS A 243 -9.56 -6.99 15.27
CA LYS A 243 -9.13 -7.94 16.31
C LYS A 243 -10.31 -8.75 16.89
N THR A 244 -11.53 -8.25 16.84
CA THR A 244 -12.71 -9.07 17.24
C THR A 244 -12.96 -10.23 16.28
N LEU A 245 -12.57 -10.06 15.02
CA LEU A 245 -12.75 -11.10 13.99
C LEU A 245 -11.55 -12.02 13.97
N ASP A 246 -10.38 -11.51 14.34
CA ASP A 246 -9.11 -12.22 14.12
C ASP A 246 -8.12 -11.71 15.16
N ALA A 247 -7.90 -12.50 16.21
CA ALA A 247 -7.16 -12.01 17.38
C ALA A 247 -5.67 -12.11 17.13
N HIS A 248 -5.23 -12.76 16.04
CA HIS A 248 -3.81 -13.10 15.85
C HIS A 248 -3.13 -12.57 14.60
N HIS A 249 -3.75 -12.36 13.42
CA HIS A 249 -3.02 -11.64 12.36
C HIS A 249 -2.65 -10.23 12.81
N LEU A 250 -1.53 -9.77 12.31
CA LEU A 250 -1.15 -8.36 12.55
C LEU A 250 -2.12 -7.40 11.90
N VAL A 251 -2.24 -6.20 12.46
CA VAL A 251 -3.03 -5.09 11.95
C VAL A 251 -2.16 -3.85 11.83
N SER A 252 -2.28 -3.18 10.68
CA SER A 252 -1.58 -1.88 10.46
C SER A 252 -2.56 -0.92 9.79
N SER A 253 -2.21 0.35 9.78
CA SER A 253 -3.12 1.39 9.27
C SER A 253 -2.96 1.70 7.78
N GLY A 254 -1.74 1.62 7.24
CA GLY A 254 -1.47 2.07 5.90
C GLY A 254 -1.14 3.55 5.80
N SER A 255 -0.94 4.21 6.93
CA SER A 255 -0.55 5.64 6.97
C SER A 255 0.80 5.87 6.31
N GLU A 256 0.93 7.06 5.72
CA GLU A 256 2.18 7.59 5.21
C GLU A 256 3.13 8.05 6.31
N GLY A 257 2.64 8.20 7.53
CA GLY A 257 3.41 8.82 8.60
C GLY A 257 2.96 10.24 8.85
N GLU A 258 3.91 11.07 9.28
CA GLU A 258 3.67 12.50 9.56
CA GLU A 258 3.60 12.47 9.61
C GLU A 258 2.95 13.19 8.41
N MET A 259 3.38 12.94 7.18
CA MET A 259 2.80 13.62 6.01
CA MET A 259 2.80 13.61 6.00
C MET A 259 1.34 13.20 5.84
N GLY A 260 0.99 11.98 6.29
CA GLY A 260 -0.39 11.46 6.23
C GLY A 260 -1.17 11.80 7.50
N SER A 261 -0.63 12.70 8.32
CA SER A 261 -1.19 13.06 9.64
C SER A 261 -1.38 14.58 9.74
N VAL A 262 -1.65 15.25 8.63
CA VAL A 262 -1.74 16.75 8.54
CA VAL A 262 -1.71 16.73 8.50
C VAL A 262 -0.47 17.37 9.14
N ASN A 263 0.66 16.78 8.88
CA ASN A 263 1.96 17.32 9.29
C ASN A 263 2.00 17.49 10.82
N ASP A 264 1.33 16.61 11.53
CA ASP A 264 1.27 16.66 13.01
C ASP A 264 1.69 15.30 13.54
N MET A 265 2.94 15.21 13.98
CA MET A 265 3.48 13.90 14.37
C MET A 265 2.68 13.37 15.58
N GLN A 266 2.11 14.25 16.40
CA GLN A 266 1.34 13.78 17.55
C GLN A 266 0.09 13.02 17.09
N VAL A 267 -0.49 13.39 15.96
CA VAL A 267 -1.64 12.63 15.40
C VAL A 267 -1.16 11.25 15.01
N PHE A 268 0.00 11.15 14.37
CA PHE A 268 0.57 9.85 14.01
C PHE A 268 0.76 9.00 15.27
N ILE A 269 1.42 9.58 16.27
CA ILE A 269 1.68 8.84 17.53
C ILE A 269 0.38 8.37 18.16
N ASP A 270 -0.57 9.30 18.31
CA ASP A 270 -1.82 9.01 19.03
C ASP A 270 -2.58 7.94 18.25
N ALA A 271 -2.68 8.07 16.93
CA ALA A 271 -3.45 7.08 16.16
C ALA A 271 -2.87 5.67 16.34
N HIS A 272 -1.56 5.56 16.44
CA HIS A 272 -0.86 4.25 16.38
C HIS A 272 -0.41 3.76 17.76
N ALA A 273 -0.78 4.45 18.83
CA ALA A 273 -0.42 4.05 20.20
C ALA A 273 -1.30 2.94 20.73
N THR A 274 -2.38 2.63 20.10
CA THR A 274 -3.27 1.54 20.51
C THR A 274 -2.53 0.21 20.40
N PRO A 275 -2.69 -0.72 21.35
CA PRO A 275 -2.09 -2.05 21.21
C PRO A 275 -2.56 -2.77 19.93
N ASP A 276 -3.75 -2.48 19.47
CA ASP A 276 -4.33 -3.18 18.31
C ASP A 276 -3.62 -2.83 16.99
N ILE A 277 -2.81 -1.79 16.97
CA ILE A 277 -1.90 -1.56 15.81
C ILE A 277 -0.60 -2.26 16.17
N ASP A 278 -0.30 -3.32 15.41
CA ASP A 278 0.88 -4.14 15.72
C ASP A 278 2.18 -3.55 15.27
N TYR A 279 2.17 -2.84 14.14
CA TYR A 279 3.42 -2.28 13.63
C TYR A 279 3.07 -0.97 12.91
N LEU A 280 4.12 -0.20 12.68
CA LEU A 280 4.00 1.12 12.08
C LEU A 280 4.37 1.07 10.59
N THR A 281 3.72 1.90 9.83
CA THR A 281 3.98 2.15 8.42
C THR A 281 4.43 3.59 8.26
N TYR A 282 5.27 3.81 7.28
CA TYR A 282 5.48 5.14 6.72
C TYR A 282 5.71 5.00 5.23
N HIS A 283 5.40 6.04 4.50
CA HIS A 283 5.56 6.11 3.06
C HIS A 283 6.47 7.30 2.77
N MET A 284 7.08 7.37 1.61
CA MET A 284 7.78 8.60 1.19
CA MET A 284 7.78 8.60 1.19
C MET A 284 7.52 8.86 -0.29
N TRP A 285 7.13 10.08 -0.58
CA TRP A 285 6.81 10.53 -1.96
C TRP A 285 7.55 11.81 -2.23
N ILE A 286 8.85 11.75 -2.42
CA ILE A 286 9.65 12.98 -2.45
C ILE A 286 9.25 13.85 -3.65
N ARG A 287 8.78 13.28 -4.74
CA ARG A 287 8.32 14.11 -5.89
C ARG A 287 6.92 14.66 -5.62
N ASN A 288 5.96 13.83 -5.22
CA ASN A 288 4.57 14.33 -5.01
C ASN A 288 4.54 15.37 -3.91
N TRP A 289 5.44 15.30 -2.93
CA TRP A 289 5.49 16.26 -1.82
C TRP A 289 6.28 17.51 -2.16
N SER A 290 6.76 17.61 -3.40
CA SER A 290 7.41 18.79 -4.00
C SER A 290 8.83 18.96 -3.47
N TRP A 291 9.40 17.95 -2.83
CA TRP A 291 10.82 18.01 -2.41
C TRP A 291 11.75 17.86 -3.61
N PHE A 292 11.32 17.06 -4.57
CA PHE A 292 12.09 16.71 -5.80
C PHE A 292 11.27 17.15 -6.99
N ASP A 293 11.96 17.76 -7.96
CA ASP A 293 11.34 18.14 -9.23
C ASP A 293 11.84 17.18 -10.31
N LYS A 294 10.93 16.39 -10.86
CA LYS A 294 11.37 15.35 -11.82
C LYS A 294 11.95 15.94 -13.10
N THR A 295 11.72 17.21 -13.36
CA THR A 295 12.27 17.89 -14.55
C THR A 295 13.59 18.61 -14.21
N LYS A 296 13.94 18.74 -12.94
CA LYS A 296 15.19 19.37 -12.46
C LYS A 296 15.78 18.48 -11.38
N PRO A 297 16.09 17.22 -11.74
CA PRO A 297 16.53 16.28 -10.73
C PRO A 297 17.89 16.63 -10.12
N ALA A 298 18.87 17.04 -10.92
CA ALA A 298 20.19 17.37 -10.34
C ALA A 298 20.09 18.52 -9.32
N GLU A 299 19.29 19.49 -9.65
CA GLU A 299 19.20 20.72 -8.86
C GLU A 299 18.48 20.43 -7.55
N THR A 300 17.48 19.54 -7.56
CA THR A 300 16.58 19.36 -6.40
C THR A 300 16.92 18.12 -5.58
N TRP A 301 17.66 17.15 -6.11
CA TRP A 301 17.96 15.91 -5.38
C TRP A 301 18.64 16.20 -4.04
N PRO A 302 19.67 17.06 -3.95
CA PRO A 302 20.36 17.19 -2.67
C PRO A 302 19.40 17.56 -1.54
N SER A 303 18.55 18.53 -1.82
CA SER A 303 17.58 19.01 -0.82
C SER A 303 16.56 17.89 -0.54
N ALA A 304 16.07 17.24 -1.58
CA ALA A 304 15.06 16.18 -1.40
C ALA A 304 15.65 15.05 -0.52
N TRP A 305 16.91 14.71 -0.72
CA TRP A 305 17.55 13.61 0.02
C TRP A 305 17.72 14.05 1.49
N GLU A 306 18.07 15.32 1.74
CA GLU A 306 18.12 15.80 3.12
C GLU A 306 16.76 15.64 3.81
N LYS A 307 15.67 15.98 3.13
CA LYS A 307 14.33 15.86 3.72
C LYS A 307 13.94 14.39 3.90
N ALA A 308 14.31 13.53 2.95
CA ALA A 308 14.02 12.09 3.06
C ALA A 308 14.75 11.45 4.26
N GLN A 309 16.02 11.73 4.40
CA GLN A 309 16.76 11.12 5.50
C GLN A 309 16.19 11.63 6.83
N ASN A 310 15.79 12.88 6.91
CA ASN A 310 15.16 13.42 8.13
C ASN A 310 13.80 12.73 8.36
N TYR A 311 13.04 12.46 7.33
CA TYR A 311 11.71 11.80 7.48
C TYR A 311 11.95 10.39 8.03
N MET A 312 12.93 9.72 7.49
CA MET A 312 13.23 8.35 7.97
C MET A 312 13.61 8.40 9.46
N ARG A 313 14.52 9.30 9.84
CA ARG A 313 14.91 9.36 11.26
CA ARG A 313 14.93 9.43 11.25
C ARG A 313 13.69 9.71 12.13
N ALA A 314 12.85 10.61 11.70
CA ALA A 314 11.73 11.04 12.55
C ALA A 314 10.82 9.84 12.83
N HIS A 315 10.62 8.98 11.83
CA HIS A 315 9.70 7.85 12.01
C HIS A 315 10.38 6.67 12.74
N ILE A 316 11.68 6.48 12.54
CA ILE A 316 12.42 5.49 13.35
C ILE A 316 12.34 5.92 14.82
N ASP A 317 12.44 7.23 15.08
CA ASP A 317 12.42 7.69 16.49
C ASP A 317 11.04 7.43 17.11
N VAL A 318 9.97 7.64 16.38
CA VAL A 318 8.58 7.35 16.87
C VAL A 318 8.46 5.86 17.06
N ALA A 319 9.01 5.03 16.18
CA ALA A 319 8.96 3.58 16.37
C ALA A 319 9.65 3.18 17.68
N LYS A 320 10.78 3.80 17.97
CA LYS A 320 11.44 3.52 19.27
C LYS A 320 10.55 3.93 20.43
N GLN A 321 9.89 5.09 20.33
CA GLN A 321 9.02 5.58 21.43
CA GLN A 321 9.00 5.61 21.40
C GLN A 321 7.85 4.62 21.66
N LEU A 322 7.25 4.12 20.59
CA LEU A 322 6.07 3.23 20.70
C LEU A 322 6.48 1.76 20.83
N ASN A 323 7.76 1.46 20.62
CA ASN A 323 8.28 0.08 20.68
C ASN A 323 7.55 -0.82 19.70
N LYS A 324 7.57 -0.45 18.42
CA LYS A 324 6.91 -1.24 17.35
C LYS A 324 7.83 -1.25 16.14
N PRO A 325 7.74 -2.31 15.34
CA PRO A 325 8.47 -2.32 14.06
C PRO A 325 7.94 -1.21 13.12
N LEU A 326 8.80 -0.78 12.21
CA LEU A 326 8.50 0.25 11.21
C LEU A 326 8.81 -0.28 9.82
N VAL A 327 7.80 -0.22 8.93
CA VAL A 327 7.98 -0.67 7.53
C VAL A 327 7.80 0.51 6.58
N LEU A 328 8.77 0.79 5.72
CA LEU A 328 8.68 1.79 4.65
C LEU A 328 7.95 1.08 3.52
N GLU A 329 6.61 0.97 3.66
CA GLU A 329 5.85 0.04 2.86
C GLU A 329 5.42 0.61 1.49
N GLU A 330 5.74 1.86 1.22
CA GLU A 330 5.39 2.48 -0.07
C GLU A 330 6.34 3.63 -0.26
N PHE A 331 7.18 3.60 -1.28
CA PHE A 331 8.08 4.71 -1.63
C PHE A 331 8.52 4.52 -3.05
N GLY A 332 8.72 5.57 -3.80
CA GLY A 332 9.11 5.47 -5.21
C GLY A 332 9.65 6.75 -5.75
N LEU A 333 10.12 6.70 -6.98
CA LEU A 333 10.66 7.89 -7.63
C LEU A 333 10.49 7.73 -9.13
N ASP A 334 10.30 8.85 -9.82
CA ASP A 334 10.10 8.84 -11.29
C ASP A 334 11.32 8.27 -11.99
N ARG A 335 11.10 7.87 -13.24
CA ARG A 335 12.23 7.56 -14.12
C ARG A 335 12.94 8.88 -14.43
N ASP A 336 14.11 8.80 -15.01
CA ASP A 336 14.89 10.00 -15.30
C ASP A 336 14.11 10.95 -16.20
N MET A 337 14.08 12.23 -15.76
CA MET A 337 13.39 13.35 -16.44
C MET A 337 11.88 13.06 -16.52
N GLY A 338 11.38 12.15 -15.69
CA GLY A 338 9.94 11.90 -15.66
C GLY A 338 9.40 11.13 -16.85
N SER A 339 10.25 10.41 -17.57
CA SER A 339 9.81 9.62 -18.71
C SER A 339 8.91 8.48 -18.23
N TYR A 340 7.99 8.04 -19.07
CA TYR A 340 7.18 6.84 -18.83
C TYR A 340 7.69 5.68 -19.71
N ALA A 341 8.62 5.98 -20.61
CA ALA A 341 9.08 4.93 -21.55
C ALA A 341 9.90 3.87 -20.83
N MET A 342 9.71 2.63 -21.25
CA MET A 342 10.49 1.51 -20.67
CA MET A 342 10.48 1.49 -20.67
C MET A 342 11.99 1.60 -20.92
N ASP A 343 12.41 2.28 -21.98
CA ASP A 343 13.85 2.30 -22.31
C ASP A 343 14.50 3.53 -21.69
N SER A 344 13.75 4.34 -20.95
CA SER A 344 14.37 5.44 -20.22
C SER A 344 15.18 4.93 -19.04
N THR A 345 16.23 5.65 -18.70
CA THR A 345 17.07 5.31 -17.54
C THR A 345 16.37 5.67 -16.22
N THR A 346 16.89 5.05 -15.17
CA THR A 346 16.36 5.15 -13.82
C THR A 346 17.49 5.44 -12.86
N GLU A 347 18.46 6.28 -13.21
CA GLU A 347 19.59 6.57 -12.31
CA GLU A 347 19.59 6.56 -12.31
C GLU A 347 19.13 7.24 -11.01
N TYR A 348 18.26 8.23 -11.08
CA TYR A 348 17.81 8.93 -9.89
C TYR A 348 17.04 7.99 -8.97
N ARG A 349 16.14 7.18 -9.51
CA ARG A 349 15.40 6.18 -8.72
C ARG A 349 16.41 5.21 -8.07
N ASP A 350 17.33 4.70 -8.88
CA ASP A 350 18.27 3.66 -8.39
C ASP A 350 19.13 4.23 -7.26
N ASN A 351 19.62 5.47 -7.41
CA ASN A 351 20.45 6.06 -6.36
C ASN A 351 19.63 6.38 -5.11
N TYR A 352 18.36 6.76 -5.29
CA TYR A 352 17.47 7.00 -4.15
C TYR A 352 17.29 5.69 -3.38
N PHE A 353 16.97 4.63 -4.10
CA PHE A 353 16.80 3.31 -3.48
C PHE A 353 18.07 2.92 -2.76
N ARG A 354 19.24 3.11 -3.36
CA ARG A 354 20.51 2.79 -2.69
CA ARG A 354 20.51 2.78 -2.69
C ARG A 354 20.64 3.59 -1.39
N GLY A 355 20.33 4.88 -1.46
CA GLY A 355 20.48 5.66 -0.23
C GLY A 355 19.55 5.23 0.87
N VAL A 356 18.30 4.99 0.54
CA VAL A 356 17.33 4.48 1.52
C VAL A 356 17.80 3.16 2.08
N PHE A 357 18.21 2.24 1.23
CA PHE A 357 18.62 0.90 1.69
C PHE A 357 19.87 0.97 2.55
N GLU A 358 20.85 1.78 2.16
CA GLU A 358 22.04 1.97 3.01
C GLU A 358 21.63 2.44 4.40
N LEU A 359 20.84 3.51 4.48
CA LEU A 359 20.46 4.05 5.80
C LEU A 359 19.64 3.02 6.58
N MET A 360 18.73 2.35 5.93
CA MET A 360 17.87 1.39 6.63
C MET A 360 18.67 0.17 7.10
N LEU A 361 19.66 -0.24 6.33
CA LEU A 361 20.47 -1.39 6.72
C LEU A 361 21.34 -1.00 7.92
N ALA A 362 21.90 0.19 7.95
CA ALA A 362 22.64 0.68 9.11
C ALA A 362 21.72 0.69 10.33
N SER A 363 20.49 1.19 10.16
CA SER A 363 19.50 1.27 11.25
C SER A 363 19.23 -0.14 11.81
N LEU A 364 19.02 -1.11 10.97
CA LEU A 364 18.79 -2.52 11.35
C LEU A 364 20.03 -3.06 12.07
N GLU A 365 21.22 -2.74 11.57
CA GLU A 365 22.49 -3.21 12.20
C GLU A 365 22.58 -2.66 13.62
N GLN A 366 22.07 -1.46 13.84
CA GLN A 366 22.18 -0.78 15.16
CA GLN A 366 22.14 -0.76 15.15
C GLN A 366 21.00 -1.22 16.07
N GLY A 367 20.17 -2.14 15.63
CA GLY A 367 19.09 -2.73 16.45
C GLY A 367 17.85 -1.86 16.51
N GLU A 368 17.72 -0.91 15.60
CA GLU A 368 16.58 0.02 15.60
C GLU A 368 15.39 -0.69 14.95
N PRO A 369 14.16 -0.17 15.11
CA PRO A 369 12.95 -0.85 14.60
C PRO A 369 12.73 -0.80 13.08
N SER A 370 13.78 -0.57 12.31
CA SER A 370 13.67 -0.63 10.84
C SER A 370 13.44 -2.07 10.49
N ALA A 371 12.28 -2.40 9.96
CA ALA A 371 11.85 -3.78 9.75
C ALA A 371 11.61 -4.11 8.29
N GLY A 372 12.02 -3.22 7.39
CA GLY A 372 12.02 -3.46 5.97
C GLY A 372 11.17 -2.49 5.17
N TYR A 373 10.75 -2.90 3.99
CA TYR A 373 10.29 -1.98 2.95
CA TYR A 373 10.27 -1.97 2.96
C TYR A 373 9.45 -2.68 1.92
N ASN A 374 8.70 -1.91 1.16
CA ASN A 374 8.06 -2.35 -0.10
C ASN A 374 8.20 -1.24 -1.11
N ILE A 375 8.98 -1.44 -2.15
CA ILE A 375 9.07 -0.45 -3.25
C ILE A 375 7.69 -0.24 -3.87
N TRP A 376 7.40 1.02 -4.17
CA TRP A 376 6.24 1.38 -5.01
C TRP A 376 6.75 1.71 -6.40
N ALA A 377 6.63 0.81 -7.40
CA ALA A 377 5.79 -0.40 -7.37
C ALA A 377 6.32 -1.38 -8.43
N TRP A 378 5.68 -2.51 -8.54
CA TRP A 378 6.15 -3.57 -9.44
C TRP A 378 5.30 -3.67 -10.69
N ASN A 379 5.90 -3.40 -11.84
CA ASN A 379 5.22 -3.58 -13.15
C ASN A 379 5.56 -4.93 -13.77
N GLY A 380 6.76 -5.42 -13.61
CA GLY A 380 7.10 -6.77 -14.10
C GLY A 380 6.90 -6.87 -15.59
N TYR A 381 6.20 -7.92 -15.98
CA TYR A 381 5.94 -8.23 -17.40
C TYR A 381 4.80 -7.42 -17.96
N GLY A 382 4.13 -6.61 -17.17
CA GLY A 382 3.01 -5.79 -17.68
C GLY A 382 3.51 -4.80 -18.71
N ARG A 383 2.68 -4.53 -19.71
CA ARG A 383 2.99 -3.63 -20.83
C ARG A 383 1.79 -2.74 -21.14
N THR A 384 2.11 -1.54 -21.63
CA THR A 384 1.10 -0.66 -22.23
C THR A 384 1.53 -0.41 -23.67
N THR A 385 0.55 -0.32 -24.54
CA THR A 385 0.77 0.23 -25.87
C THR A 385 -0.05 1.47 -26.10
N ARG A 386 -0.51 2.11 -25.04
CA ARG A 386 -1.21 3.37 -25.15
C ARG A 386 -0.20 4.52 -25.35
N ALA A 387 -0.41 5.32 -26.37
CA ALA A 387 0.48 6.45 -26.71
C ALA A 387 0.62 7.43 -25.53
N ASN A 388 -0.49 7.67 -24.84
CA ASN A 388 -0.52 8.57 -23.67
C ASN A 388 -0.27 7.84 -22.34
N TYR A 389 0.08 6.56 -22.38
CA TYR A 389 0.41 5.78 -21.19
C TYR A 389 -0.76 5.72 -20.23
N TRP A 390 -1.97 5.96 -20.64
CA TRP A 390 -3.12 5.96 -19.73
C TRP A 390 -3.89 4.64 -19.79
N TRP A 391 -4.03 3.98 -18.65
CA TRP A 391 -4.71 2.68 -18.58
C TRP A 391 -6.15 2.77 -19.05
N GLN A 392 -6.57 1.79 -19.83
CA GLN A 392 -7.98 1.57 -20.19
C GLN A 392 -8.37 0.16 -19.78
N GLU A 393 -9.65 -0.03 -19.53
CA GLU A 393 -10.21 -1.30 -19.11
C GLU A 393 -9.74 -2.40 -20.10
N GLY A 394 -9.25 -3.50 -19.54
CA GLY A 394 -8.73 -4.62 -20.34
C GLY A 394 -7.22 -4.58 -20.55
N ASP A 395 -6.61 -3.43 -20.30
CA ASP A 395 -5.13 -3.32 -20.48
C ASP A 395 -4.47 -4.09 -19.33
N ASP A 396 -3.21 -4.48 -19.55
CA ASP A 396 -2.43 -5.13 -18.47
C ASP A 396 -2.46 -4.25 -17.22
N PHE A 397 -2.60 -4.89 -16.07
CA PHE A 397 -2.40 -4.16 -14.80
C PHE A 397 -0.90 -4.01 -14.54
N MET A 398 -0.54 -2.86 -13.96
CA MET A 398 0.81 -2.51 -13.60
C MET A 398 0.81 -2.02 -12.15
N GLY A 399 1.97 -1.92 -11.57
CA GLY A 399 2.12 -1.35 -10.24
C GLY A 399 1.64 0.08 -10.13
N ASP A 400 1.81 0.82 -11.25
CA ASP A 400 1.14 2.13 -11.45
C ASP A 400 -0.34 1.84 -11.61
N PRO A 401 -1.21 2.31 -10.70
CA PRO A 401 -2.62 2.09 -10.86
C PRO A 401 -3.22 3.03 -11.91
N PRO A 402 -4.54 2.91 -12.14
CA PRO A 402 -5.15 3.64 -13.26
C PRO A 402 -5.23 5.15 -13.15
N GLN A 403 -4.79 5.71 -12.03
CA GLN A 403 -4.82 7.17 -11.82
C GLN A 403 -3.49 7.78 -12.20
N GLU A 404 -2.53 6.99 -12.64
CA GLU A 404 -1.19 7.46 -12.98
C GLU A 404 -0.75 6.80 -14.28
N GLU A 405 0.10 7.49 -15.01
CA GLU A 405 0.63 6.88 -16.24
C GLU A 405 1.27 5.55 -15.93
N GLN A 406 1.10 4.64 -16.89
CA GLN A 406 1.63 3.28 -16.87
C GLN A 406 3.10 3.37 -17.23
N GLY A 407 3.98 3.31 -16.25
CA GLY A 407 5.39 3.65 -16.38
C GLY A 407 5.86 4.78 -15.48
N MET A 408 4.98 5.42 -14.72
CA MET A 408 5.44 6.52 -13.87
C MET A 408 6.44 6.06 -12.79
N TYR A 409 5.99 5.17 -11.94
CA TYR A 409 6.77 4.69 -10.78
C TYR A 409 7.14 3.21 -10.84
N GLY A 410 6.49 2.42 -11.69
CA GLY A 410 6.69 0.98 -11.58
C GLY A 410 8.01 0.47 -12.17
N VAL A 411 8.48 -0.62 -11.61
CA VAL A 411 9.71 -1.28 -12.04
C VAL A 411 9.33 -2.38 -13.01
N PHE A 412 9.79 -2.26 -14.25
CA PHE A 412 9.56 -3.29 -15.26
C PHE A 412 10.57 -4.42 -15.09
N ASP A 413 10.23 -5.62 -15.61
CA ASP A 413 11.17 -6.75 -15.61
C ASP A 413 12.49 -6.42 -16.30
N THR A 414 12.43 -5.52 -17.27
CA THR A 414 13.62 -5.11 -18.05
C THR A 414 14.41 -3.98 -17.40
N ASP A 415 14.00 -3.51 -16.23
CA ASP A 415 14.77 -2.46 -15.50
C ASP A 415 15.96 -3.07 -14.76
N THR A 416 16.92 -3.54 -15.55
CA THR A 416 18.03 -4.36 -15.06
C THR A 416 18.75 -3.71 -13.89
N SER A 417 19.03 -2.43 -13.98
CA SER A 417 19.82 -1.75 -12.96
C SER A 417 19.06 -1.75 -11.63
N THR A 418 17.78 -1.44 -11.65
CA THR A 418 16.97 -1.36 -10.43
C THR A 418 16.83 -2.73 -9.78
N ILE A 419 16.59 -3.74 -10.61
CA ILE A 419 16.40 -5.12 -10.12
C ILE A 419 17.69 -5.62 -9.47
N ALA A 420 18.85 -5.23 -10.00
CA ALA A 420 20.12 -5.68 -9.39
C ALA A 420 20.23 -5.09 -7.98
N ILE A 421 19.84 -3.84 -7.80
CA ILE A 421 19.88 -3.17 -6.46
C ILE A 421 18.89 -3.89 -5.55
N MET A 422 17.69 -4.18 -6.02
CA MET A 422 16.69 -4.89 -5.20
C MET A 422 17.28 -6.24 -4.78
N LYS A 423 17.83 -6.99 -5.71
CA LYS A 423 18.35 -8.34 -5.39
C LYS A 423 19.48 -8.23 -4.36
N GLU A 424 20.38 -7.29 -4.55
CA GLU A 424 21.50 -7.08 -3.63
C GLU A 424 20.94 -6.81 -2.24
N PHE A 425 20.13 -5.77 -2.07
CA PHE A 425 19.70 -5.40 -0.71
C PHE A 425 18.69 -6.37 -0.12
N ASN A 426 17.85 -7.00 -0.92
CA ASN A 426 16.98 -8.04 -0.39
C ASN A 426 17.81 -9.10 0.30
N ALA A 427 18.96 -9.48 -0.25
CA ALA A 427 19.86 -10.47 0.39
C ALA A 427 20.51 -9.89 1.62
N ARG A 428 20.91 -8.62 1.60
CA ARG A 428 21.62 -8.00 2.74
C ARG A 428 20.66 -7.87 3.94
N PHE A 429 19.38 -7.62 3.70
CA PHE A 429 18.37 -7.40 4.77
C PHE A 429 17.96 -8.71 5.38
N GLN A 430 18.13 -9.82 4.68
CA GLN A 430 17.77 -11.14 5.25
C GLN A 430 18.72 -11.53 6.38
N PRO A 431 18.20 -11.85 7.58
CA PRO A 431 19.03 -12.09 8.77
C PRO A 431 20.33 -12.89 8.57
#